data_9HY4
#
_entry.id   9HY4
#
_cell.length_a   65.954
_cell.length_b   93.237
_cell.length_c   75.856
_cell.angle_alpha   90.000
_cell.angle_beta   94.080
_cell.angle_gamma   90.000
#
_symmetry.space_group_name_H-M   'C 1 2 1'
#
loop_
_entity.id
_entity.type
_entity.pdbx_description
1 polymer 'H-2 class I histocompatibility antigen, D-B alpha chain'
2 polymer LYS-ALA-VAL-TYR-ASN-PHE-ALA-THR-MET
3 water water
#
loop_
_entity_poly.entity_id
_entity_poly.type
_entity_poly.pdbx_seq_one_letter_code
_entity_poly.pdbx_strand_id
1 'polypeptide(L)'
;GSDREDVERLLRSVEWAIKAGDPYSARILVELAREDAEKIGDERLRREVEELLRELEELGGSGGSGGSGGSGGSGGGPHS
MKYIETAISRPGLEEPRYISVGYVDNKEFVRFDSDAENPRYEPRAPWMEQEGPEYWERETQKAKGQEQWFRVSLRNLLGY
YNQSAGGSHTLQQMSGCDLDENWRLVRGYLQFAYEGRDYIALNEDLKTWTAADMAAQITRRKWEQSGAAEHYKAYLEGEC
VEWLHRYLKNGNATL
;
A,C
2 'polypeptide(L)' KAVYNFATM B,D
#
# COMPACT_ATOMS: atom_id res chain seq x y z
N ASP A 3 5.91 7.45 -12.53
CA ASP A 3 4.60 6.93 -12.86
C ASP A 3 3.65 7.06 -11.66
N ARG A 4 2.45 6.46 -11.77
CA ARG A 4 1.51 6.50 -10.66
C ARG A 4 2.07 5.84 -9.42
N GLU A 5 2.85 4.76 -9.60
CA GLU A 5 3.39 4.04 -8.45
C GLU A 5 4.38 4.92 -7.67
N ASP A 6 5.16 5.74 -8.38
CA ASP A 6 6.02 6.69 -7.69
C ASP A 6 5.20 7.66 -6.85
N VAL A 7 4.11 8.17 -7.40
CA VAL A 7 3.31 9.18 -6.72
C VAL A 7 2.61 8.58 -5.51
N GLU A 8 2.16 7.33 -5.62
CA GLU A 8 1.54 6.69 -4.47
C GLU A 8 2.54 6.52 -3.33
N ARG A 9 3.79 6.18 -3.66
CA ARG A 9 4.82 6.13 -2.62
C ARG A 9 5.00 7.49 -1.96
N LEU A 10 4.98 8.55 -2.77
CA LEU A 10 5.10 9.89 -2.19
C LEU A 10 3.90 10.22 -1.33
N LEU A 11 2.71 9.80 -1.76
CA LEU A 11 1.49 10.08 -0.99
C LEU A 11 1.49 9.31 0.33
N ARG A 12 1.99 8.07 0.33
CA ARG A 12 2.09 7.29 1.57
C ARG A 12 3.02 7.98 2.57
N SER A 13 4.08 8.61 2.08
CA SER A 13 5.03 9.27 2.95
C SER A 13 4.46 10.54 3.53
N VAL A 14 3.59 11.21 2.78
CA VAL A 14 2.87 12.37 3.31
C VAL A 14 2.05 11.96 4.52
N GLU A 15 1.23 10.91 4.37
CA GLU A 15 0.43 10.45 5.51
C GLU A 15 1.31 10.09 6.69
N TRP A 16 2.44 9.42 6.46
CA TRP A 16 3.33 9.11 7.58
C TRP A 16 3.86 10.39 8.22
N ALA A 17 4.35 11.32 7.39
CA ALA A 17 4.84 12.59 7.89
C ALA A 17 3.76 13.34 8.66
N ILE A 18 2.52 13.31 8.17
CA ILE A 18 1.44 13.98 8.87
C ILE A 18 1.18 13.31 10.21
N LYS A 19 1.12 11.98 10.20
CA LYS A 19 0.82 11.23 11.42
C LYS A 19 1.96 11.33 12.45
N ALA A 20 3.20 11.48 12.00
CA ALA A 20 4.31 11.63 12.93
C ALA A 20 4.47 13.05 13.45
N GLY A 21 3.81 14.03 12.85
CA GLY A 21 3.80 15.38 13.38
C GLY A 21 4.81 16.34 12.77
N ASP A 22 5.08 16.21 11.47
CA ASP A 22 6.06 17.08 10.79
C ASP A 22 5.44 17.64 9.52
N PRO A 23 4.81 18.82 9.58
CA PRO A 23 4.28 19.41 8.36
C PRO A 23 5.35 19.95 7.43
N TYR A 24 6.58 20.15 7.93
CA TYR A 24 7.62 20.68 7.05
C TYR A 24 7.97 19.68 5.95
N SER A 25 8.20 18.42 6.32
CA SER A 25 8.49 17.39 5.34
C SER A 25 7.23 16.90 4.65
N ALA A 26 6.08 16.92 5.33
CA ALA A 26 4.83 16.58 4.66
C ALA A 26 4.57 17.52 3.49
N ARG A 27 4.92 18.79 3.64
CA ARG A 27 4.64 19.77 2.60
C ARG A 27 5.59 19.64 1.42
N ILE A 28 6.88 19.39 1.68
CA ILE A 28 7.82 19.18 0.57
C ILE A 28 7.41 17.97 -0.24
N LEU A 29 6.97 16.90 0.46
CA LEU A 29 6.59 15.66 -0.20
C LEU A 29 5.36 15.84 -1.07
N VAL A 30 4.35 16.55 -0.54
CA VAL A 30 3.11 16.66 -1.31
C VAL A 30 3.31 17.57 -2.50
N GLU A 31 4.24 18.53 -2.41
CA GLU A 31 4.55 19.37 -3.56
C GLU A 31 5.26 18.56 -4.65
N LEU A 32 6.08 17.58 -4.25
CA LEU A 32 6.66 16.66 -5.24
C LEU A 32 5.57 15.83 -5.91
N ALA A 33 4.68 15.26 -5.10
CA ALA A 33 3.62 14.42 -5.64
C ALA A 33 2.70 15.22 -6.54
N ARG A 34 2.56 16.52 -6.28
CA ARG A 34 1.58 17.30 -7.02
C ARG A 34 2.13 17.63 -8.42
N GLU A 35 3.44 17.96 -8.51
CA GLU A 35 4.08 18.16 -9.83
C GLU A 35 3.99 16.89 -10.67
N ASP A 36 4.27 15.74 -10.05
CA ASP A 36 4.26 14.47 -10.78
C ASP A 36 2.86 14.15 -11.29
N ALA A 37 1.84 14.34 -10.45
CA ALA A 37 0.46 14.03 -10.82
C ALA A 37 -0.02 14.87 -11.99
N GLU A 38 0.44 16.12 -12.07
CA GLU A 38 -0.04 17.04 -13.10
C GLU A 38 0.60 16.77 -14.46
N LYS A 39 1.76 16.12 -14.48
CA LYS A 39 2.34 15.67 -15.75
C LYS A 39 1.71 14.36 -16.20
N ILE A 40 1.40 13.49 -15.25
CA ILE A 40 0.81 12.18 -15.55
C ILE A 40 -0.63 12.35 -16.06
N GLY A 41 -1.45 13.08 -15.29
CA GLY A 41 -2.84 13.26 -15.65
C GLY A 41 -3.76 12.17 -15.13
N ASP A 42 -3.58 11.77 -13.88
CA ASP A 42 -4.43 10.79 -13.23
C ASP A 42 -5.37 11.56 -12.31
N GLU A 43 -6.69 11.41 -12.51
CA GLU A 43 -7.62 12.23 -11.75
C GLU A 43 -7.74 11.77 -10.30
N ARG A 44 -7.73 10.46 -10.03
CA ARG A 44 -7.84 10.03 -8.63
C ARG A 44 -6.60 10.45 -7.85
N LEU A 45 -5.42 10.30 -8.43
CA LEU A 45 -4.18 10.73 -7.79
C LEU A 45 -4.18 12.24 -7.56
N ARG A 46 -4.51 13.00 -8.61
CA ARG A 46 -4.60 14.44 -8.49
C ARG A 46 -5.54 14.83 -7.35
N ARG A 47 -6.62 14.07 -7.19
CA ARG A 47 -7.57 14.35 -6.12
C ARG A 47 -7.01 13.99 -4.76
N GLU A 48 -6.25 12.88 -4.69
CA GLU A 48 -5.64 12.48 -3.42
C GLU A 48 -4.59 13.48 -2.96
N VAL A 49 -3.93 14.17 -3.90
CA VAL A 49 -2.99 15.21 -3.54
C VAL A 49 -3.71 16.38 -2.87
N GLU A 50 -4.85 16.77 -3.44
CA GLU A 50 -5.61 17.91 -2.92
C GLU A 50 -6.10 17.66 -1.50
N GLU A 51 -6.57 16.44 -1.23
CA GLU A 51 -7.11 16.14 0.10
C GLU A 51 -6.03 16.14 1.17
N LEU A 52 -4.84 15.58 0.86
CA LEU A 52 -3.72 15.70 1.78
C LEU A 52 -3.26 17.14 1.89
N LEU A 53 -3.30 17.88 0.77
CA LEU A 53 -3.07 19.32 0.81
C LEU A 53 -4.09 20.00 1.71
N ARG A 54 -5.33 19.51 1.72
CA ARG A 54 -6.35 20.05 2.61
C ARG A 54 -6.02 19.77 4.07
N GLU A 55 -5.61 18.53 4.37
CA GLU A 55 -5.27 18.16 5.75
C GLU A 55 -4.21 19.08 6.33
N LEU A 56 -3.22 19.45 5.52
CA LEU A 56 -2.29 20.49 5.93
C LEU A 56 -2.97 21.85 5.75
N GLY A 77 0.42 18.45 32.56
CA GLY A 77 0.16 17.73 31.33
C GLY A 77 1.30 16.83 30.90
N PRO A 78 1.09 16.05 29.85
CA PRO A 78 2.15 15.16 29.34
C PRO A 78 2.99 15.85 28.28
N HIS A 79 4.27 15.49 28.24
CA HIS A 79 5.25 16.15 27.40
C HIS A 79 5.93 15.14 26.46
N SER A 80 6.64 15.67 25.47
CA SER A 80 7.25 14.78 24.48
C SER A 80 8.28 15.55 23.68
N MET A 81 9.29 14.82 23.22
CA MET A 81 10.21 15.32 22.22
C MET A 81 10.34 14.26 21.13
N LYS A 82 10.31 14.70 19.88
CA LYS A 82 10.53 13.81 18.75
C LYS A 82 11.35 14.52 17.69
N TYR A 83 12.19 13.75 16.99
CA TYR A 83 12.90 14.23 15.82
C TYR A 83 12.43 13.39 14.63
N ILE A 84 11.90 14.03 13.60
CA ILE A 84 11.44 13.34 12.40
C ILE A 84 12.46 13.61 11.30
N GLU A 85 12.99 12.55 10.70
CA GLU A 85 14.05 12.65 9.71
C GLU A 85 13.58 12.00 8.40
N THR A 86 13.92 12.62 7.28
CA THR A 86 13.40 12.25 5.96
C THR A 86 14.53 12.29 4.95
N ALA A 87 14.62 11.26 4.13
CA ALA A 87 15.53 11.27 2.99
C ALA A 87 14.73 10.90 1.75
N ILE A 88 14.88 11.69 0.68
CA ILE A 88 14.05 11.61 -0.52
C ILE A 88 14.97 11.44 -1.71
N SER A 89 14.85 10.32 -2.42
CA SER A 89 15.61 10.07 -3.63
C SER A 89 14.72 10.26 -4.85
N ARG A 90 15.17 11.11 -5.79
CA ARG A 90 14.49 11.29 -7.07
C ARG A 90 15.44 11.06 -8.22
N PRO A 91 14.93 10.62 -9.39
CA PRO A 91 15.82 10.22 -10.50
C PRO A 91 16.74 11.31 -11.03
N GLY A 92 16.49 12.58 -10.70
CA GLY A 92 17.37 13.64 -11.14
C GLY A 92 18.30 14.07 -10.01
N LEU A 93 17.98 13.60 -8.81
CA LEU A 93 18.82 13.84 -7.64
C LEU A 93 20.01 12.89 -7.71
N GLU A 94 21.20 13.43 -8.00
CA GLU A 94 22.40 12.62 -7.86
C GLU A 94 22.52 12.09 -6.43
N GLU A 95 22.11 12.90 -5.43
CA GLU A 95 22.05 12.53 -4.03
C GLU A 95 20.73 12.97 -3.41
N PRO A 96 20.18 12.18 -2.49
CA PRO A 96 18.88 12.52 -1.90
C PRO A 96 18.91 13.79 -1.05
N ARG A 97 17.73 14.38 -0.88
CA ARG A 97 17.57 15.43 0.12
C ARG A 97 17.40 14.80 1.50
N TYR A 98 18.02 15.40 2.51
CA TYR A 98 17.88 14.93 3.89
C TYR A 98 17.35 16.07 4.76
N ILE A 99 16.25 15.80 5.46
CA ILE A 99 15.56 16.75 6.33
C ILE A 99 15.45 16.18 7.74
N SER A 100 15.65 17.05 8.74
CA SER A 100 15.45 16.69 10.15
C SER A 100 14.77 17.86 10.85
N VAL A 101 13.64 17.58 11.50
CA VAL A 101 12.92 18.60 12.25
C VAL A 101 12.60 18.05 13.64
N GLY A 102 12.98 18.80 14.67
CA GLY A 102 12.70 18.41 16.05
C GLY A 102 11.53 19.19 16.64
N TYR A 103 10.78 18.52 17.50
CA TYR A 103 9.56 19.07 18.09
C TYR A 103 9.56 18.82 19.58
N VAL A 104 9.17 19.83 20.35
CA VAL A 104 8.93 19.70 21.79
C VAL A 104 7.47 20.02 22.04
N ASP A 105 6.73 19.06 22.58
CA ASP A 105 5.28 19.20 22.80
C ASP A 105 4.55 19.64 21.53
N ASN A 106 4.87 18.96 20.42
CA ASN A 106 4.29 19.18 19.09
C ASN A 106 4.65 20.54 18.49
N LYS A 107 5.71 21.20 18.96
CA LYS A 107 6.09 22.50 18.40
C LYS A 107 7.54 22.47 17.91
N GLU A 108 7.73 22.90 16.67
CA GLU A 108 9.06 22.92 16.04
C GLU A 108 10.03 23.79 16.83
N PHE A 109 11.24 23.24 17.08
CA PHE A 109 12.28 24.02 17.75
C PHE A 109 13.64 24.02 17.08
N VAL A 110 13.95 23.03 16.22
CA VAL A 110 15.22 23.00 15.47
C VAL A 110 14.95 22.40 14.10
N ARG A 111 15.78 22.76 13.13
CA ARG A 111 15.55 22.29 11.75
C ARG A 111 16.84 22.28 10.96
N PHE A 112 17.03 21.21 10.17
CA PHE A 112 18.14 21.04 9.25
C PHE A 112 17.56 20.64 7.89
N ASP A 113 18.06 21.24 6.81
CA ASP A 113 17.68 20.88 5.43
C ASP A 113 18.92 20.84 4.56
N SER A 114 19.18 19.68 3.96
CA SER A 114 20.33 19.55 3.08
C SER A 114 20.27 20.50 1.89
N ASP A 115 19.09 21.08 1.61
CA ASP A 115 18.97 21.98 0.46
C ASP A 115 19.43 23.41 0.72
N ALA A 116 19.63 23.82 1.97
CA ALA A 116 20.05 25.18 2.26
C ALA A 116 21.44 25.44 1.68
N GLU A 117 21.71 26.71 1.35
CA GLU A 117 23.04 27.04 0.83
C GLU A 117 24.13 26.67 1.83
N ASN A 118 23.85 26.82 3.12
CA ASN A 118 24.74 26.35 4.18
C ASN A 118 23.93 25.48 5.13
N PRO A 119 23.86 24.17 4.86
CA PRO A 119 23.09 23.27 5.72
C PRO A 119 23.66 23.21 7.13
N ARG A 120 22.82 23.49 8.12
CA ARG A 120 23.14 23.34 9.53
C ARG A 120 21.85 23.37 10.32
N TYR A 121 21.88 22.79 11.51
CA TYR A 121 20.74 22.94 12.40
C TYR A 121 20.61 24.41 12.77
N GLU A 122 19.37 24.87 12.88
CA GLU A 122 19.10 26.27 13.19
C GLU A 122 17.92 26.29 14.16
N PRO A 123 17.92 27.21 15.13
CA PRO A 123 16.79 27.26 16.06
C PRO A 123 15.52 27.75 15.36
N ARG A 124 14.39 27.15 15.71
CA ARG A 124 13.10 27.60 15.21
C ARG A 124 12.23 28.22 16.29
N ALA A 125 12.62 28.11 17.56
CA ALA A 125 11.91 28.73 18.66
C ALA A 125 12.79 29.77 19.34
N PRO A 126 12.19 30.84 19.88
CA PRO A 126 13.01 31.87 20.54
C PRO A 126 13.77 31.35 21.75
N TRP A 127 13.17 30.45 22.52
CA TRP A 127 13.83 29.93 23.71
C TRP A 127 15.07 29.11 23.40
N MET A 128 15.22 28.64 22.14
CA MET A 128 16.39 27.86 21.76
C MET A 128 17.63 28.71 21.48
N GLU A 129 17.50 30.03 21.36
CA GLU A 129 18.61 30.86 20.95
C GLU A 129 19.62 31.14 22.08
N GLN A 130 19.51 30.50 23.24
CA GLN A 130 20.54 30.64 24.27
C GLN A 130 21.46 29.41 24.39
N GLU A 131 21.29 28.40 23.54
CA GLU A 131 22.32 27.38 23.44
C GLU A 131 23.44 27.90 22.54
N GLY A 132 24.67 27.65 22.95
CA GLY A 132 25.81 28.29 22.37
C GLY A 132 26.45 27.48 21.26
N PRO A 133 27.64 27.91 20.84
CA PRO A 133 28.22 27.38 19.59
C PRO A 133 28.45 25.87 19.60
N GLU A 134 29.05 25.33 20.66
CA GLU A 134 29.34 23.89 20.71
C GLU A 134 28.09 23.05 20.55
N TYR A 135 26.95 23.53 21.05
CA TYR A 135 25.71 22.79 20.88
C TYR A 135 25.36 22.65 19.41
N TRP A 136 25.51 23.73 18.65
CA TRP A 136 25.04 23.75 17.27
C TRP A 136 25.98 22.99 16.35
N GLU A 137 27.29 23.09 16.57
CA GLU A 137 28.22 22.34 15.73
C GLU A 137 28.04 20.84 15.89
N ARG A 138 27.81 20.37 17.13
CA ARG A 138 27.65 18.93 17.34
C ARG A 138 26.32 18.44 16.78
N GLU A 139 25.23 19.18 16.99
CA GLU A 139 23.97 18.81 16.36
C GLU A 139 24.12 18.74 14.84
N THR A 140 24.85 19.70 14.25
CA THR A 140 25.08 19.69 12.81
C THR A 140 25.96 18.53 12.38
N GLN A 141 26.96 18.19 13.19
CA GLN A 141 27.76 17.00 12.93
C GLN A 141 26.89 15.76 12.89
N LYS A 142 25.93 15.66 13.81
CA LYS A 142 25.06 14.51 13.83
C LYS A 142 24.24 14.43 12.54
N ALA A 143 23.73 15.58 12.09
CA ALA A 143 22.94 15.62 10.85
C ALA A 143 23.76 15.23 9.63
N LYS A 144 25.02 15.65 9.56
CA LYS A 144 25.84 15.26 8.41
C LYS A 144 26.10 13.76 8.40
N GLY A 145 26.25 13.14 9.58
CA GLY A 145 26.38 11.68 9.63
C GLY A 145 25.08 10.97 9.29
N GLN A 146 23.95 11.53 9.75
CA GLN A 146 22.64 10.96 9.44
C GLN A 146 22.37 10.98 7.95
N GLU A 147 22.79 12.06 7.28
CA GLU A 147 22.62 12.14 5.83
C GLU A 147 23.27 10.96 5.14
N GLN A 148 24.48 10.62 5.55
CA GLN A 148 25.20 9.54 4.92
C GLN A 148 24.63 8.19 5.32
N TRP A 149 24.10 8.08 6.53
CA TRP A 149 23.44 6.86 6.96
C TRP A 149 22.18 6.61 6.14
N PHE A 150 21.41 7.66 5.85
CA PHE A 150 20.17 7.49 5.10
C PHE A 150 20.45 7.12 3.65
N ARG A 151 21.51 7.68 3.07
CA ARG A 151 21.80 7.33 1.68
C ARG A 151 22.30 5.90 1.54
N VAL A 152 23.09 5.42 2.50
CA VAL A 152 23.53 4.02 2.49
C VAL A 152 22.35 3.08 2.69
N SER A 153 21.46 3.42 3.63
CA SER A 153 20.34 2.53 3.94
C SER A 153 19.34 2.50 2.80
N LEU A 154 19.19 3.63 2.09
CA LEU A 154 18.33 3.66 0.90
C LEU A 154 18.87 2.68 -0.16
N ARG A 155 20.18 2.68 -0.37
CA ARG A 155 20.80 1.77 -1.33
C ARG A 155 20.63 0.31 -0.89
N ASN A 156 20.65 0.06 0.41
CA ASN A 156 20.45 -1.29 0.94
C ASN A 156 19.02 -1.76 0.67
N LEU A 157 18.03 -0.93 1.01
CA LEU A 157 16.63 -1.30 0.85
C LEU A 157 16.32 -1.65 -0.60
N LEU A 158 16.93 -0.93 -1.54
CA LEU A 158 16.68 -1.19 -2.96
C LEU A 158 17.01 -2.63 -3.30
N GLY A 159 18.09 -3.16 -2.73
CA GLY A 159 18.47 -4.55 -2.98
C GLY A 159 17.50 -5.51 -2.31
N TYR A 160 17.10 -5.21 -1.08
CA TYR A 160 16.18 -6.08 -0.33
C TYR A 160 14.93 -6.36 -1.15
N TYR A 161 14.31 -5.31 -1.69
CA TYR A 161 13.04 -5.42 -2.40
C TYR A 161 13.21 -5.73 -3.88
N ASN A 162 14.44 -5.65 -4.40
CA ASN A 162 14.70 -5.80 -5.83
C ASN A 162 13.81 -4.84 -6.64
N GLN A 163 13.85 -3.56 -6.25
CA GLN A 163 13.15 -2.52 -6.99
C GLN A 163 14.15 -1.68 -7.79
N SER A 164 13.62 -0.95 -8.77
CA SER A 164 14.45 -0.19 -9.68
C SER A 164 14.80 1.19 -9.10
N ALA A 165 16.07 1.57 -9.25
CA ALA A 165 16.56 2.82 -8.68
C ALA A 165 15.93 4.06 -9.29
N GLY A 166 15.34 3.95 -10.48
CA GLY A 166 14.87 5.14 -11.18
C GLY A 166 13.65 5.79 -10.53
N GLY A 167 12.87 5.02 -9.79
CA GLY A 167 11.67 5.57 -9.22
C GLY A 167 11.96 6.57 -8.11
N SER A 168 10.90 6.99 -7.46
CA SER A 168 11.03 7.79 -6.24
C SER A 168 11.06 6.87 -5.03
N HIS A 169 11.85 7.26 -4.04
CA HIS A 169 11.95 6.47 -2.82
C HIS A 169 12.10 7.40 -1.63
N THR A 170 11.50 7.02 -0.51
CA THR A 170 11.65 7.76 0.73
C THR A 170 12.02 6.85 1.89
N LEU A 171 12.84 7.38 2.79
CA LEU A 171 13.10 6.73 4.05
C LEU A 171 12.82 7.75 5.16
N GLN A 172 11.96 7.39 6.12
CA GLN A 172 11.60 8.28 7.22
C GLN A 172 11.84 7.63 8.57
N GLN A 173 12.25 8.45 9.56
CA GLN A 173 12.57 8.04 10.92
C GLN A 173 11.90 8.98 11.91
N MET A 174 11.31 8.41 12.96
CA MET A 174 10.84 9.16 14.12
C MET A 174 11.47 8.58 15.38
N SER A 175 12.04 9.46 16.22
CA SER A 175 12.61 9.03 17.50
C SER A 175 12.37 10.10 18.54
N GLY A 176 12.41 9.69 19.81
CA GLY A 176 12.22 10.58 20.95
C GLY A 176 11.54 9.86 22.10
N CYS A 177 10.83 10.64 22.93
CA CYS A 177 10.30 10.13 24.19
C CYS A 177 9.03 10.85 24.59
N ASP A 178 8.17 10.14 25.32
CA ASP A 178 7.02 10.71 26.00
C ASP A 178 7.28 10.73 27.51
N LEU A 179 6.75 11.74 28.18
CA LEU A 179 6.90 11.88 29.63
C LEU A 179 5.54 12.01 30.27
N ASP A 180 5.42 11.51 31.50
CA ASP A 180 4.16 11.60 32.22
C ASP A 180 4.03 13.01 32.81
N GLU A 181 3.07 13.16 33.72
CA GLU A 181 2.84 14.43 34.37
C GLU A 181 4.06 14.85 35.21
N ASN A 182 4.80 13.86 35.73
CA ASN A 182 5.98 14.04 36.57
C ASN A 182 7.27 14.20 35.76
N TRP A 183 7.18 14.40 34.44
CA TRP A 183 8.34 14.55 33.55
C TRP A 183 9.20 13.27 33.50
N ARG A 184 8.61 12.14 33.85
CA ARG A 184 9.29 10.85 33.87
C ARG A 184 9.01 10.08 32.58
N LEU A 185 9.95 9.21 32.19
CA LEU A 185 9.79 8.47 30.94
C LEU A 185 8.60 7.52 31.01
N VAL A 186 7.75 7.58 29.99
CA VAL A 186 6.72 6.59 29.79
C VAL A 186 7.01 5.70 28.59
N ARG A 187 7.64 6.24 27.56
CA ARG A 187 7.82 5.49 26.32
C ARG A 187 8.93 6.13 25.50
N GLY A 188 9.88 5.30 25.09
CA GLY A 188 10.88 5.70 24.10
C GLY A 188 10.50 5.06 22.79
N TYR A 189 10.82 5.74 21.69
CA TYR A 189 10.41 5.24 20.38
C TYR A 189 11.48 5.50 19.32
N LEU A 190 11.52 4.60 18.35
CA LEU A 190 12.51 4.64 17.30
C LEU A 190 12.01 3.67 16.23
N GLN A 191 11.36 4.23 15.21
CA GLN A 191 10.64 3.47 14.21
C GLN A 191 10.93 4.09 12.85
N PHE A 192 10.92 3.25 11.82
CA PHE A 192 11.30 3.67 10.48
C PHE A 192 10.19 3.35 9.49
N ALA A 193 10.10 4.19 8.46
CA ALA A 193 9.20 3.96 7.35
C ALA A 193 10.00 3.95 6.04
N TYR A 194 9.60 3.09 5.12
CA TYR A 194 10.18 3.06 3.77
C TYR A 194 9.04 3.06 2.78
N GLU A 195 9.13 3.95 1.77
CA GLU A 195 8.01 4.22 0.89
C GLU A 195 6.76 4.63 1.66
N GLY A 196 6.93 5.31 2.79
CA GLY A 196 5.80 5.68 3.60
C GLY A 196 5.11 4.56 4.34
N ARG A 197 5.62 3.33 4.30
CA ARG A 197 5.05 2.20 5.03
C ARG A 197 5.95 1.81 6.20
N ASP A 198 5.32 1.34 7.29
CA ASP A 198 6.07 0.88 8.44
C ASP A 198 7.07 -0.18 8.05
N TYR A 199 8.31 -0.03 8.54
CA TYR A 199 9.38 -0.96 8.17
C TYR A 199 9.91 -1.70 9.40
N ILE A 200 10.54 -1.01 10.35
CA ILE A 200 11.01 -1.62 11.59
C ILE A 200 10.79 -0.61 12.71
N ALA A 201 10.65 -1.13 13.93
CA ALA A 201 10.34 -0.28 15.07
C ALA A 201 10.91 -0.93 16.32
N LEU A 202 11.53 -0.09 17.17
CA LEU A 202 12.01 -0.55 18.47
C LEU A 202 10.82 -0.77 19.40
N ASN A 203 10.83 -1.88 20.13
CA ASN A 203 9.69 -2.18 20.99
C ASN A 203 9.78 -1.37 22.28
N GLU A 204 8.69 -1.39 23.05
CA GLU A 204 8.66 -0.57 24.25
C GLU A 204 9.69 -1.04 25.28
N ASP A 205 10.07 -2.32 25.24
CA ASP A 205 11.16 -2.77 26.10
C ASP A 205 12.48 -2.10 25.78
N LEU A 206 12.56 -1.42 24.63
CA LEU A 206 13.81 -0.85 24.11
C LEU A 206 14.89 -1.92 23.97
N LYS A 207 14.47 -3.18 23.82
CA LYS A 207 15.35 -4.33 23.72
C LYS A 207 15.15 -5.16 22.47
N THR A 208 13.96 -5.16 21.86
CA THR A 208 13.65 -6.00 20.71
C THR A 208 12.98 -5.16 19.62
N TRP A 209 12.92 -5.72 18.41
CA TRP A 209 12.44 -5.03 17.23
C TRP A 209 11.21 -5.71 16.67
N THR A 210 10.27 -4.90 16.17
CA THR A 210 9.16 -5.38 15.36
C THR A 210 9.44 -5.11 13.89
N ALA A 211 9.38 -6.15 13.07
CA ALA A 211 9.71 -6.06 11.66
C ALA A 211 8.41 -6.23 10.87
N ALA A 212 8.09 -5.25 10.04
CA ALA A 212 6.77 -5.18 9.44
C ALA A 212 6.64 -5.93 8.12
N ASP A 213 7.74 -6.37 7.52
CA ASP A 213 7.66 -7.10 6.25
C ASP A 213 8.88 -8.00 6.12
N MET A 214 9.03 -8.61 4.95
CA MET A 214 10.08 -9.61 4.79
C MET A 214 11.47 -8.97 4.70
N ALA A 215 11.58 -7.84 3.99
CA ALA A 215 12.85 -7.13 3.95
C ALA A 215 13.30 -6.73 5.34
N ALA A 216 12.39 -6.15 6.14
CA ALA A 216 12.71 -5.69 7.49
C ALA A 216 13.19 -6.82 8.38
N GLN A 217 12.85 -8.07 8.05
CA GLN A 217 13.36 -9.21 8.78
C GLN A 217 14.87 -9.37 8.60
N ILE A 218 15.39 -8.95 7.44
CA ILE A 218 16.85 -8.93 7.25
C ILE A 218 17.47 -7.89 8.16
N THR A 219 16.86 -6.71 8.21
CA THR A 219 17.34 -5.66 9.10
C THR A 219 17.32 -6.10 10.56
N ARG A 220 16.21 -6.73 10.98
CA ARG A 220 16.08 -7.12 12.39
C ARG A 220 17.18 -8.08 12.81
N ARG A 221 17.37 -9.15 12.04
CA ARG A 221 18.48 -10.08 12.24
C ARG A 221 19.80 -9.34 12.43
N LYS A 222 20.14 -8.49 11.45
CA LYS A 222 21.36 -7.70 11.53
C LYS A 222 21.44 -6.93 12.86
N TRP A 223 20.39 -6.20 13.19
CA TRP A 223 20.45 -5.31 14.35
C TRP A 223 20.45 -6.10 15.65
N GLU A 224 19.75 -7.24 15.69
CA GLU A 224 19.83 -8.09 16.88
C GLU A 224 21.26 -8.63 17.07
N GLN A 225 21.91 -9.02 15.97
CA GLN A 225 23.22 -9.66 16.04
C GLN A 225 24.31 -8.70 16.49
N SER A 226 24.21 -7.42 16.12
CA SER A 226 25.20 -6.42 16.50
C SER A 226 24.80 -5.60 17.73
N GLY A 227 23.73 -5.99 18.43
CA GLY A 227 23.34 -5.28 19.66
C GLY A 227 22.94 -3.84 19.45
N ALA A 228 22.31 -3.52 18.32
CA ALA A 228 22.00 -2.13 17.98
C ALA A 228 21.00 -1.49 18.93
N ALA A 229 20.10 -2.30 19.49
CA ALA A 229 19.09 -1.75 20.40
C ALA A 229 19.74 -1.04 21.58
N GLU A 230 20.87 -1.56 22.08
CA GLU A 230 21.49 -1.01 23.29
C GLU A 230 21.88 0.44 23.11
N HIS A 231 22.43 0.78 21.93
CA HIS A 231 22.83 2.15 21.65
C HIS A 231 21.63 3.09 21.70
N TYR A 232 20.53 2.69 21.07
CA TYR A 232 19.32 3.53 21.10
C TYR A 232 18.70 3.59 22.50
N LYS A 233 18.74 2.50 23.25
CA LYS A 233 18.20 2.56 24.62
C LYS A 233 18.94 3.63 25.43
N ALA A 234 20.27 3.62 25.36
CA ALA A 234 21.06 4.58 26.13
C ALA A 234 20.68 6.01 25.79
N TYR A 235 20.47 6.30 24.50
CA TYR A 235 20.07 7.64 24.10
C TYR A 235 18.69 8.00 24.64
N LEU A 236 17.70 7.11 24.42
CA LEU A 236 16.32 7.42 24.74
C LEU A 236 16.11 7.63 26.24
N GLU A 237 16.79 6.84 27.05
CA GLU A 237 16.67 6.93 28.49
C GLU A 237 17.65 7.93 29.12
N GLY A 238 18.66 8.36 28.39
CA GLY A 238 19.62 9.32 28.91
C GLY A 238 19.50 10.70 28.32
N GLU A 239 20.38 11.00 27.36
CA GLU A 239 20.45 12.33 26.75
C GLU A 239 19.09 12.82 26.27
N CYS A 240 18.20 11.92 25.86
CA CYS A 240 16.94 12.36 25.25
C CYS A 240 15.99 12.96 26.28
N VAL A 241 15.79 12.24 27.38
CA VAL A 241 14.99 12.78 28.48
C VAL A 241 15.67 14.01 29.07
N GLU A 242 16.99 13.93 29.25
CA GLU A 242 17.72 14.95 29.97
C GLU A 242 17.62 16.30 29.27
N TRP A 243 17.69 16.31 27.94
CA TRP A 243 17.63 17.57 27.23
C TRP A 243 16.21 18.05 26.98
N LEU A 244 15.22 17.15 27.03
CA LEU A 244 13.83 17.58 26.99
C LEU A 244 13.46 18.33 28.25
N HIS A 245 13.93 17.85 29.41
CA HIS A 245 13.75 18.57 30.68
C HIS A 245 14.25 20.00 30.57
N ARG A 246 15.44 20.17 30.02
CA ARG A 246 16.05 21.49 29.91
C ARG A 246 15.29 22.35 28.91
N TYR A 247 14.84 21.75 27.81
CA TYR A 247 13.99 22.46 26.86
C TYR A 247 12.67 22.87 27.50
N LEU A 248 12.09 22.00 28.31
CA LEU A 248 10.83 22.30 28.97
C LEU A 248 10.96 23.46 29.95
N LYS A 249 12.11 23.59 30.63
CA LYS A 249 12.32 24.71 31.53
C LYS A 249 12.76 25.97 30.81
N ASN A 250 13.37 25.85 29.63
CA ASN A 250 13.74 27.03 28.87
C ASN A 250 12.54 27.67 28.17
N GLY A 251 11.42 26.96 28.05
CA GLY A 251 10.22 27.53 27.48
C GLY A 251 9.02 27.50 28.42
N LYS B 1 18.28 17.35 21.86
CA LYS B 1 19.48 16.86 21.18
C LYS B 1 19.11 15.62 20.37
N ALA B 2 19.60 15.55 19.13
CA ALA B 2 19.15 14.50 18.23
C ALA B 2 19.91 13.19 18.44
N VAL B 3 19.28 12.10 18.00
CA VAL B 3 19.89 10.79 18.04
C VAL B 3 20.86 10.66 16.86
N TYR B 4 21.80 9.72 16.96
CA TYR B 4 22.63 9.39 15.80
C TYR B 4 22.70 7.88 15.62
N ASN B 5 22.40 7.43 14.41
CA ASN B 5 22.23 6.02 14.14
C ASN B 5 23.57 5.32 13.94
N PHE B 6 23.57 4.02 14.22
CA PHE B 6 24.76 3.18 14.21
C PHE B 6 24.64 2.29 12.98
N ALA B 7 24.25 1.03 13.12
CA ALA B 7 24.25 0.10 11.98
C ALA B 7 23.24 0.51 10.91
N THR B 8 23.63 0.36 9.64
CA THR B 8 22.71 0.74 8.58
C THR B 8 21.67 -0.35 8.41
N MET B 9 20.65 -0.07 7.59
CA MET B 9 19.57 -1.02 7.45
C MET B 9 19.99 -2.27 6.67
N ASP C 3 -11.48 -2.27 12.59
CA ASP C 3 -10.80 -1.01 12.85
C ASP C 3 -10.59 -0.19 11.57
N ARG C 4 -9.90 0.95 11.69
CA ARG C 4 -9.72 1.84 10.56
C ARG C 4 -8.98 1.16 9.42
N GLU C 5 -7.97 0.37 9.76
CA GLU C 5 -7.15 -0.31 8.77
C GLU C 5 -8.00 -1.27 7.92
N ASP C 6 -8.94 -1.99 8.55
CA ASP C 6 -9.84 -2.86 7.81
C ASP C 6 -10.67 -2.10 6.81
N VAL C 7 -11.19 -0.92 7.19
CA VAL C 7 -12.03 -0.16 6.28
C VAL C 7 -11.20 0.35 5.09
N GLU C 8 -9.96 0.79 5.35
CA GLU C 8 -9.10 1.26 4.26
C GLU C 8 -8.88 0.16 3.21
N ARG C 9 -8.65 -1.07 3.67
CA ARG C 9 -8.50 -2.17 2.72
C ARG C 9 -9.75 -2.34 1.88
N LEU C 10 -10.94 -2.29 2.51
CA LEU C 10 -12.17 -2.39 1.74
C LEU C 10 -12.27 -1.29 0.69
N LEU C 11 -11.93 -0.05 1.06
CA LEU C 11 -12.04 1.06 0.12
C LEU C 11 -11.05 0.93 -1.04
N ARG C 12 -9.83 0.48 -0.75
CA ARG C 12 -8.87 0.17 -1.82
C ARG C 12 -9.45 -0.87 -2.78
N SER C 13 -10.12 -1.86 -2.23
CA SER C 13 -10.78 -2.88 -3.03
C SER C 13 -11.93 -2.30 -3.85
N VAL C 14 -12.61 -1.27 -3.33
CA VAL C 14 -13.64 -0.59 -4.09
C VAL C 14 -13.04 0.05 -5.33
N GLU C 15 -11.94 0.79 -5.15
CA GLU C 15 -11.28 1.47 -6.27
C GLU C 15 -10.77 0.48 -7.31
N TRP C 16 -10.21 -0.65 -6.86
CA TRP C 16 -9.75 -1.66 -7.79
C TRP C 16 -10.91 -2.20 -8.62
N ALA C 17 -12.03 -2.49 -7.96
CA ALA C 17 -13.23 -2.96 -8.63
C ALA C 17 -13.74 -1.94 -9.65
N ILE C 18 -13.78 -0.66 -9.25
CA ILE C 18 -14.15 0.41 -10.17
C ILE C 18 -13.20 0.46 -11.37
N LYS C 19 -11.89 0.48 -11.13
CA LYS C 19 -10.94 0.55 -12.24
C LYS C 19 -11.01 -0.70 -13.11
N ALA C 20 -11.33 -1.85 -12.53
CA ALA C 20 -11.48 -3.09 -13.30
C ALA C 20 -12.78 -3.14 -14.10
N GLY C 21 -13.78 -2.37 -13.71
CA GLY C 21 -15.05 -2.32 -14.40
C GLY C 21 -16.15 -3.19 -13.84
N ASP C 22 -16.19 -3.42 -12.52
CA ASP C 22 -17.24 -4.23 -11.91
C ASP C 22 -17.98 -3.43 -10.84
N PRO C 23 -19.06 -2.74 -11.21
CA PRO C 23 -19.85 -2.04 -10.19
C PRO C 23 -20.51 -2.96 -9.18
N TYR C 24 -20.63 -4.27 -9.46
CA TYR C 24 -21.37 -5.14 -8.56
C TYR C 24 -20.53 -5.51 -7.33
N SER C 25 -19.30 -5.99 -7.54
CA SER C 25 -18.42 -6.21 -6.39
C SER C 25 -18.08 -4.89 -5.71
N ALA C 26 -17.96 -3.81 -6.49
CA ALA C 26 -17.64 -2.51 -5.92
C ALA C 26 -18.67 -2.06 -4.91
N ARG C 27 -19.97 -2.18 -5.23
CA ARG C 27 -20.95 -1.69 -4.26
C ARG C 27 -21.15 -2.65 -3.10
N ILE C 28 -20.90 -3.94 -3.31
CA ILE C 28 -20.92 -4.87 -2.19
C ILE C 28 -19.84 -4.51 -1.19
N LEU C 29 -18.63 -4.26 -1.70
CA LEU C 29 -17.51 -3.89 -0.83
C LEU C 29 -17.77 -2.59 -0.10
N VAL C 30 -18.30 -1.58 -0.79
CA VAL C 30 -18.44 -0.26 -0.18
C VAL C 30 -19.58 -0.23 0.84
N GLU C 31 -20.58 -1.11 0.70
CA GLU C 31 -21.60 -1.26 1.72
C GLU C 31 -21.03 -1.87 2.99
N LEU C 32 -20.10 -2.83 2.85
CA LEU C 32 -19.41 -3.32 4.04
C LEU C 32 -18.59 -2.22 4.68
N ALA C 33 -17.93 -1.38 3.88
CA ALA C 33 -17.17 -0.26 4.42
C ALA C 33 -18.06 0.73 5.17
N ARG C 34 -19.28 0.97 4.67
CA ARG C 34 -20.18 1.92 5.31
C ARG C 34 -20.67 1.42 6.65
N GLU C 35 -21.05 0.14 6.73
CA GLU C 35 -21.41 -0.47 8.01
C GLU C 35 -20.26 -0.37 9.01
N ASP C 36 -19.05 -0.72 8.58
CA ASP C 36 -17.88 -0.67 9.46
C ASP C 36 -17.64 0.74 9.97
N ALA C 37 -17.64 1.72 9.06
CA ALA C 37 -17.27 3.08 9.44
C ALA C 37 -18.33 3.75 10.30
N GLU C 38 -19.56 3.25 10.30
CA GLU C 38 -20.57 3.78 11.20
C GLU C 38 -20.33 3.34 12.65
N LYS C 39 -19.76 2.13 12.83
CA LYS C 39 -19.48 1.60 14.16
C LYS C 39 -18.22 2.19 14.77
N ILE C 40 -17.26 2.58 13.95
CA ILE C 40 -16.03 3.21 14.42
C ILE C 40 -16.29 4.68 14.78
N GLY C 41 -17.07 5.38 13.95
CA GLY C 41 -17.41 6.75 14.25
C GLY C 41 -16.41 7.78 13.81
N ASP C 42 -15.50 7.43 12.90
CA ASP C 42 -14.51 8.37 12.37
C ASP C 42 -15.13 9.10 11.18
N GLU C 43 -15.24 10.42 11.29
CA GLU C 43 -15.96 11.18 10.26
C GLU C 43 -15.15 11.30 8.97
N ARG C 44 -13.82 11.41 9.06
CA ARG C 44 -12.99 11.33 7.86
C ARG C 44 -13.30 10.04 7.10
N LEU C 45 -13.31 8.92 7.82
CA LEU C 45 -13.64 7.63 7.22
C LEU C 45 -15.03 7.65 6.61
N ARG C 46 -16.02 8.16 7.36
CA ARG C 46 -17.37 8.25 6.84
C ARG C 46 -17.42 9.04 5.55
N ARG C 47 -16.66 10.14 5.46
CA ARG C 47 -16.65 10.96 4.26
C ARG C 47 -16.01 10.24 3.08
N GLU C 48 -14.92 9.50 3.33
CA GLU C 48 -14.33 8.71 2.25
C GLU C 48 -15.33 7.76 1.65
N VAL C 49 -15.99 6.96 2.50
CA VAL C 49 -16.99 5.99 2.03
C VAL C 49 -18.08 6.70 1.23
N GLU C 50 -18.57 7.84 1.71
CA GLU C 50 -19.65 8.53 1.01
C GLU C 50 -19.19 9.01 -0.36
N GLU C 51 -17.95 9.49 -0.47
CA GLU C 51 -17.51 9.99 -1.77
C GLU C 51 -17.26 8.87 -2.78
N LEU C 52 -16.76 7.71 -2.33
CA LEU C 52 -16.77 6.55 -3.21
C LEU C 52 -18.18 6.11 -3.56
N LEU C 53 -19.13 6.27 -2.64
CA LEU C 53 -20.53 5.96 -2.96
C LEU C 53 -21.06 6.86 -4.07
N ARG C 54 -20.78 8.16 -4.00
CA ARG C 54 -21.17 9.07 -5.08
C ARG C 54 -20.61 8.59 -6.40
N GLU C 55 -19.30 8.28 -6.41
CA GLU C 55 -18.64 7.88 -7.65
C GLU C 55 -19.31 6.67 -8.28
N LEU C 56 -19.82 5.74 -7.47
CA LEU C 56 -20.53 4.60 -8.02
C LEU C 56 -21.93 4.99 -8.49
N GLU C 57 -22.58 5.93 -7.79
CA GLU C 57 -23.84 6.50 -8.27
C GLU C 57 -23.66 7.14 -9.64
N GLU C 58 -22.60 7.94 -9.80
CA GLU C 58 -22.34 8.67 -11.03
C GLU C 58 -21.78 7.79 -12.15
N LEU C 59 -21.74 6.47 -11.96
CA LEU C 59 -21.34 5.55 -13.02
C LEU C 59 -22.55 5.10 -13.80
N GLY C 77 -16.65 -1.49 -33.93
CA GLY C 77 -15.76 -0.97 -32.90
C GLY C 77 -14.92 -2.06 -32.23
N PRO C 78 -14.22 -1.68 -31.16
CA PRO C 78 -13.45 -2.67 -30.39
C PRO C 78 -14.37 -3.48 -29.48
N HIS C 79 -13.92 -4.69 -29.18
CA HIS C 79 -14.73 -5.65 -28.44
C HIS C 79 -13.90 -6.27 -27.32
N SER C 80 -14.56 -6.68 -26.25
CA SER C 80 -13.81 -7.19 -25.10
C SER C 80 -14.70 -8.07 -24.24
N MET C 81 -14.05 -8.95 -23.47
CA MET C 81 -14.73 -9.82 -22.52
C MET C 81 -13.88 -9.88 -21.25
N LYS C 82 -14.53 -9.71 -20.09
CA LYS C 82 -13.90 -9.71 -18.77
C LYS C 82 -14.72 -10.51 -17.76
N TYR C 83 -14.04 -11.33 -16.95
CA TYR C 83 -14.63 -11.93 -15.76
C TYR C 83 -13.86 -11.40 -14.56
N ILE C 84 -14.54 -10.71 -13.64
CA ILE C 84 -13.93 -10.13 -12.45
C ILE C 84 -14.41 -10.93 -11.25
N GLU C 85 -13.47 -11.50 -10.49
CA GLU C 85 -13.79 -12.40 -9.39
C GLU C 85 -13.28 -11.82 -8.08
N THR C 86 -14.05 -11.98 -7.02
CA THR C 86 -13.75 -11.32 -5.76
C THR C 86 -14.03 -12.30 -4.63
N ALA C 87 -13.09 -12.39 -3.69
CA ALA C 87 -13.31 -13.11 -2.44
C ALA C 87 -13.12 -12.12 -1.31
N ILE C 88 -14.03 -12.13 -0.33
CA ILE C 88 -14.00 -11.17 0.79
C ILE C 88 -14.08 -11.96 2.10
N SER C 89 -13.06 -11.85 2.92
CA SER C 89 -13.05 -12.53 4.21
C SER C 89 -13.51 -11.56 5.29
N ARG C 90 -14.52 -11.96 6.06
CA ARG C 90 -15.11 -11.09 7.07
C ARG C 90 -14.99 -11.67 8.48
N PRO C 91 -15.03 -10.82 9.51
CA PRO C 91 -15.27 -11.32 10.87
C PRO C 91 -16.40 -12.34 10.88
N GLY C 92 -16.28 -13.31 11.78
CA GLY C 92 -17.20 -14.44 11.85
C GLY C 92 -18.67 -14.22 11.52
N GLU C 94 -18.84 -18.52 8.61
CA GLU C 94 -17.50 -17.95 8.59
C GLU C 94 -16.96 -17.71 7.16
N GLU C 95 -17.14 -18.70 6.27
CA GLU C 95 -16.36 -18.81 5.04
C GLU C 95 -16.45 -17.55 4.18
N PRO C 96 -15.38 -17.18 3.47
CA PRO C 96 -15.42 -15.94 2.68
C PRO C 96 -16.49 -15.98 1.60
N ARG C 97 -16.95 -14.78 1.21
CA ARG C 97 -17.91 -14.65 0.10
C ARG C 97 -17.14 -14.57 -1.22
N TYR C 98 -17.57 -15.35 -2.20
CA TYR C 98 -16.90 -15.37 -3.49
C TYR C 98 -17.90 -14.91 -4.52
N ILE C 99 -17.47 -13.97 -5.37
CA ILE C 99 -18.32 -13.38 -6.42
C ILE C 99 -17.58 -13.43 -7.75
N SER C 100 -18.32 -13.64 -8.85
CA SER C 100 -17.74 -13.56 -10.18
C SER C 100 -18.78 -12.96 -11.11
N VAL C 101 -18.37 -11.95 -11.88
CA VAL C 101 -19.26 -11.26 -12.83
C VAL C 101 -18.53 -11.12 -14.16
N GLY C 102 -19.19 -11.53 -15.23
CA GLY C 102 -18.62 -11.50 -16.57
C GLY C 102 -19.19 -10.34 -17.37
N TYR C 103 -18.31 -9.67 -18.12
CA TYR C 103 -18.68 -8.52 -18.94
C TYR C 103 -18.32 -8.77 -20.40
N VAL C 104 -19.21 -8.38 -21.30
CA VAL C 104 -18.92 -8.29 -22.73
C VAL C 104 -19.13 -6.84 -23.14
N ASP C 105 -18.09 -6.21 -23.69
CA ASP C 105 -18.13 -4.81 -24.11
C ASP C 105 -18.62 -3.92 -22.98
N ASN C 106 -18.08 -4.17 -21.78
CA ASN C 106 -18.38 -3.42 -20.54
C ASN C 106 -19.82 -3.56 -20.07
N LYS C 107 -20.53 -4.63 -20.47
CA LYS C 107 -21.90 -4.84 -20.00
C LYS C 107 -22.06 -6.25 -19.44
N GLU C 108 -22.70 -6.34 -18.27
CA GLU C 108 -22.87 -7.60 -17.55
C GLU C 108 -23.65 -8.62 -18.38
N PHE C 109 -23.08 -9.82 -18.57
CA PHE C 109 -23.84 -10.93 -19.15
C PHE C 109 -24.03 -12.16 -18.25
N VAL C 110 -23.17 -12.39 -17.24
CA VAL C 110 -23.33 -13.52 -16.33
C VAL C 110 -22.84 -13.11 -14.93
N ARG C 111 -23.27 -13.86 -13.91
CA ARG C 111 -22.92 -13.54 -12.53
C ARG C 111 -23.10 -14.74 -11.59
N PHE C 112 -22.17 -14.89 -10.62
CA PHE C 112 -22.22 -15.90 -9.57
C PHE C 112 -21.98 -15.21 -8.23
N ASP C 113 -22.67 -15.65 -7.17
CA ASP C 113 -22.51 -15.03 -5.85
C ASP C 113 -22.79 -16.07 -4.77
N SER C 114 -21.75 -16.43 -4.00
CA SER C 114 -21.89 -17.48 -2.99
C SER C 114 -22.95 -17.15 -1.92
N ASP C 115 -23.34 -15.89 -1.78
CA ASP C 115 -24.33 -15.53 -0.78
C ASP C 115 -25.76 -15.77 -1.25
N ALA C 116 -25.98 -16.10 -2.53
CA ALA C 116 -27.31 -16.40 -3.03
C ALA C 116 -27.83 -17.71 -2.44
N GLU C 117 -29.14 -17.92 -2.54
CA GLU C 117 -29.77 -19.06 -1.86
C GLU C 117 -29.40 -20.39 -2.50
N ASN C 118 -29.21 -20.43 -3.81
CA ASN C 118 -28.61 -21.58 -4.50
C ASN C 118 -27.58 -21.00 -5.45
N PRO C 119 -26.35 -20.81 -4.99
CA PRO C 119 -25.34 -20.16 -5.83
C PRO C 119 -25.15 -20.92 -7.14
N ARG C 120 -25.12 -20.17 -8.24
CA ARG C 120 -24.97 -20.70 -9.58
C ARG C 120 -24.80 -19.53 -10.54
N TYR C 121 -24.08 -19.76 -11.64
CA TYR C 121 -23.93 -18.73 -12.65
C TYR C 121 -25.29 -18.50 -13.30
N GLU C 122 -25.72 -17.24 -13.39
CA GLU C 122 -27.00 -16.95 -13.99
C GLU C 122 -26.85 -15.94 -15.13
N PRO C 123 -27.65 -16.07 -16.19
CA PRO C 123 -27.60 -15.08 -17.27
C PRO C 123 -28.02 -13.73 -16.74
N ARG C 124 -27.32 -12.68 -17.20
CA ARG C 124 -27.71 -11.30 -16.88
C ARG C 124 -28.09 -10.49 -18.11
N ALA C 125 -27.87 -11.00 -19.30
CA ALA C 125 -28.27 -10.41 -20.57
C ALA C 125 -29.29 -11.29 -21.28
N PRO C 126 -30.18 -10.71 -22.10
CA PRO C 126 -31.23 -11.54 -22.73
C PRO C 126 -30.70 -12.52 -23.75
N TRP C 127 -29.67 -12.14 -24.51
CA TRP C 127 -29.10 -13.07 -25.50
C TRP C 127 -28.39 -14.26 -24.87
N MET C 128 -28.30 -14.34 -23.54
CA MET C 128 -27.69 -15.48 -22.86
C MET C 128 -28.70 -16.52 -22.41
N GLU C 129 -30.00 -16.22 -22.50
CA GLU C 129 -31.01 -17.18 -22.03
C GLU C 129 -31.24 -18.33 -23.01
N GLN C 130 -30.43 -18.43 -24.06
CA GLN C 130 -30.53 -19.48 -25.05
C GLN C 130 -29.52 -20.60 -24.85
N GLU C 131 -28.46 -20.37 -24.10
CA GLU C 131 -27.52 -21.43 -23.78
C GLU C 131 -28.22 -22.55 -22.99
N GLY C 132 -27.86 -23.79 -23.28
CA GLY C 132 -28.55 -24.92 -22.69
C GLY C 132 -28.04 -25.26 -21.30
N PRO C 133 -28.71 -26.24 -20.68
CA PRO C 133 -28.33 -26.66 -19.32
C PRO C 133 -26.86 -27.01 -19.13
N GLU C 134 -26.28 -27.79 -20.05
CA GLU C 134 -24.89 -28.20 -19.91
C GLU C 134 -23.95 -27.00 -19.80
N TYR C 135 -24.32 -25.87 -20.42
CA TYR C 135 -23.48 -24.68 -20.35
C TYR C 135 -23.37 -24.19 -18.90
N TRP C 136 -24.52 -23.95 -18.26
CA TRP C 136 -24.55 -23.41 -16.90
C TRP C 136 -24.02 -24.41 -15.87
N GLU C 137 -24.26 -25.71 -16.08
CA GLU C 137 -23.78 -26.65 -15.07
C GLU C 137 -22.26 -26.66 -15.02
N ARG C 138 -21.60 -26.50 -16.18
CA ARG C 138 -20.14 -26.48 -16.16
C ARG C 138 -19.59 -25.13 -15.69
N GLU C 139 -20.22 -24.01 -16.08
CA GLU C 139 -19.80 -22.71 -15.54
C GLU C 139 -19.88 -22.71 -14.02
N THR C 140 -20.93 -23.30 -13.47
CA THR C 140 -21.11 -23.32 -12.02
C THR C 140 -20.07 -24.19 -11.35
N GLN C 141 -19.66 -25.28 -12.01
CA GLN C 141 -18.56 -26.08 -11.52
C GLN C 141 -17.27 -25.28 -11.45
N LYS C 142 -17.00 -24.43 -12.45
CA LYS C 142 -15.78 -23.63 -12.37
C LYS C 142 -15.84 -22.67 -11.18
N ALA C 143 -16.98 -22.01 -10.98
CA ALA C 143 -17.12 -21.08 -9.85
C ALA C 143 -16.96 -21.78 -8.51
N LYS C 144 -17.43 -23.02 -8.42
CA LYS C 144 -17.28 -23.80 -7.20
C LYS C 144 -15.81 -24.15 -6.95
N GLY C 145 -15.08 -24.57 -7.99
CA GLY C 145 -13.63 -24.71 -7.88
C GLY C 145 -12.92 -23.41 -7.53
N GLN C 146 -13.32 -22.31 -8.16
CA GLN C 146 -12.67 -21.02 -7.94
C GLN C 146 -12.80 -20.58 -6.50
N GLU C 147 -13.97 -20.84 -5.90
CA GLU C 147 -14.23 -20.39 -4.53
C GLU C 147 -13.28 -21.08 -3.57
N GLN C 148 -13.02 -22.36 -3.80
CA GLN C 148 -12.06 -23.10 -2.99
C GLN C 148 -10.62 -22.64 -3.26
N TRP C 149 -10.29 -22.39 -4.52
CA TRP C 149 -9.00 -21.78 -4.86
C TRP C 149 -8.82 -20.44 -4.17
N PHE C 150 -9.89 -19.63 -4.13
CA PHE C 150 -9.75 -18.31 -3.53
C PHE C 150 -9.60 -18.42 -2.02
N ARG C 151 -10.34 -19.34 -1.38
CA ARG C 151 -10.17 -19.46 0.07
C ARG C 151 -8.83 -20.11 0.44
N VAL C 152 -8.23 -20.93 -0.44
CA VAL C 152 -6.89 -21.45 -0.15
C VAL C 152 -5.84 -20.36 -0.36
N SER C 153 -5.98 -19.58 -1.44
CA SER C 153 -5.03 -18.51 -1.71
C SER C 153 -5.10 -17.43 -0.64
N LEU C 154 -6.29 -17.17 -0.11
CA LEU C 154 -6.40 -16.18 0.96
C LEU C 154 -5.59 -16.60 2.19
N ARG C 155 -5.65 -17.90 2.55
CA ARG C 155 -4.84 -18.38 3.68
C ARG C 155 -3.33 -18.26 3.40
N ASN C 156 -2.88 -18.68 2.22
CA ASN C 156 -1.45 -18.56 1.87
C ASN C 156 -0.96 -17.13 2.03
N LEU C 157 -1.74 -16.17 1.54
CA LEU C 157 -1.37 -14.76 1.57
C LEU C 157 -1.31 -14.22 3.00
N LEU C 158 -2.22 -14.68 3.87
CA LEU C 158 -2.20 -14.27 5.28
C LEU C 158 -0.84 -14.57 5.91
N GLY C 159 -0.28 -15.75 5.61
CA GLY C 159 1.02 -16.11 6.12
C GLY C 159 2.13 -15.34 5.46
N TYR C 160 2.04 -15.15 4.13
CA TYR C 160 3.03 -14.35 3.42
C TYR C 160 3.23 -12.97 4.05
N TYR C 161 2.15 -12.33 4.51
CA TYR C 161 2.22 -11.00 5.10
C TYR C 161 2.13 -11.00 6.64
N ASN C 162 2.06 -12.18 7.26
CA ASN C 162 1.90 -12.35 8.70
C ASN C 162 0.89 -11.36 9.27
N GLN C 163 -0.34 -11.49 8.78
CA GLN C 163 -1.47 -10.65 9.12
C GLN C 163 -2.40 -11.40 10.05
N SER C 164 -3.38 -10.66 10.57
CA SER C 164 -4.41 -11.21 11.45
C SER C 164 -5.57 -11.79 10.65
N ALA C 165 -6.04 -12.97 11.05
CA ALA C 165 -7.21 -13.58 10.40
C ALA C 165 -8.50 -12.84 10.74
N GLY C 166 -8.52 -12.09 11.85
CA GLY C 166 -9.71 -11.37 12.26
C GLY C 166 -9.97 -10.10 11.50
N GLY C 167 -8.98 -9.58 10.80
CA GLY C 167 -9.19 -8.41 9.98
C GLY C 167 -9.93 -8.76 8.70
N SER C 168 -10.36 -7.72 7.98
CA SER C 168 -10.97 -7.90 6.67
C SER C 168 -9.89 -8.05 5.60
N HIS C 169 -10.10 -8.98 4.66
CA HIS C 169 -9.12 -9.24 3.63
C HIS C 169 -9.83 -9.55 2.31
N THR C 170 -9.27 -9.08 1.22
CA THR C 170 -9.91 -9.25 -0.06
C THR C 170 -8.88 -9.73 -1.09
N LEU C 171 -9.38 -10.50 -2.06
CA LEU C 171 -8.54 -11.01 -3.13
C LEU C 171 -9.33 -10.91 -4.43
N GLN C 172 -8.74 -10.25 -5.44
CA GLN C 172 -9.47 -9.85 -6.63
C GLN C 172 -8.71 -10.30 -7.87
N GLN C 173 -9.47 -10.76 -8.86
CA GLN C 173 -8.93 -11.30 -10.11
C GLN C 173 -9.71 -10.72 -11.28
N MET C 174 -8.97 -10.34 -12.34
CA MET C 174 -9.52 -9.97 -13.61
C MET C 174 -8.81 -10.77 -14.70
N SER C 175 -9.59 -11.39 -15.58
CA SER C 175 -9.06 -12.13 -16.72
C SER C 175 -9.96 -11.85 -17.92
N GLY C 176 -9.41 -11.95 -19.13
CA GLY C 176 -10.20 -11.73 -20.34
C GLY C 176 -9.33 -11.34 -21.53
N CYS C 177 -9.97 -10.78 -22.55
CA CYS C 177 -9.30 -10.44 -23.80
C CYS C 177 -9.95 -9.21 -24.41
N ASP C 178 -9.15 -8.46 -25.18
CA ASP C 178 -9.61 -7.44 -26.08
C ASP C 178 -9.44 -7.93 -27.51
N LEU C 179 -10.31 -7.49 -28.40
CA LEU C 179 -10.25 -7.86 -29.80
C LEU C 179 -10.17 -6.61 -30.67
N ASP C 180 -9.51 -6.74 -31.81
CA ASP C 180 -9.44 -5.66 -32.78
C ASP C 180 -10.66 -5.75 -33.69
N GLU C 181 -10.59 -5.11 -34.85
CA GLU C 181 -11.78 -4.97 -35.67
C GLU C 181 -12.08 -6.24 -36.44
N ASN C 182 -11.05 -6.94 -36.89
CA ASN C 182 -11.29 -8.26 -37.47
C ASN C 182 -11.51 -9.32 -36.40
N TRP C 183 -11.77 -8.91 -35.15
CA TRP C 183 -12.17 -9.77 -34.04
C TRP C 183 -11.04 -10.70 -33.61
N ARG C 184 -9.80 -10.32 -33.91
CA ARG C 184 -8.65 -11.07 -33.49
C ARG C 184 -8.11 -10.50 -32.18
N LEU C 185 -7.49 -11.39 -31.39
CA LEU C 185 -6.96 -11.02 -30.08
C LEU C 185 -5.90 -9.95 -30.20
N VAL C 186 -6.07 -8.86 -29.47
CA VAL C 186 -5.05 -7.85 -29.32
C VAL C 186 -4.31 -7.97 -27.99
N ARG C 187 -4.99 -8.41 -26.94
CA ARG C 187 -4.42 -8.46 -25.61
C ARG C 187 -5.23 -9.43 -24.76
N GLY C 188 -4.53 -10.38 -24.12
CA GLY C 188 -5.10 -11.19 -23.05
C GLY C 188 -4.64 -10.66 -21.70
N TYR C 189 -5.47 -10.88 -20.68
CA TYR C 189 -5.21 -10.33 -19.35
C TYR C 189 -5.45 -11.40 -18.28
N LEU C 190 -4.70 -11.29 -17.18
CA LEU C 190 -4.91 -12.14 -16.01
C LEU C 190 -4.13 -11.50 -14.88
N GLN C 191 -4.80 -10.74 -14.02
CA GLN C 191 -4.12 -9.98 -12.97
C GLN C 191 -4.86 -10.16 -11.66
N PHE C 192 -4.11 -10.01 -10.57
CA PHE C 192 -4.59 -10.24 -9.22
C PHE C 192 -4.29 -9.01 -8.35
N ALA C 193 -5.20 -8.75 -7.43
CA ALA C 193 -4.96 -7.71 -6.43
C ALA C 193 -5.22 -8.31 -5.05
N TYR C 194 -4.45 -7.89 -4.05
CA TYR C 194 -4.64 -8.38 -2.68
C TYR C 194 -4.93 -7.16 -1.80
N GLU C 195 -6.08 -7.19 -1.15
CA GLU C 195 -6.60 -6.04 -0.40
C GLU C 195 -6.53 -4.76 -1.23
N GLY C 196 -7.03 -4.85 -2.47
CA GLY C 196 -7.15 -3.69 -3.33
C GLY C 196 -5.86 -3.25 -4.00
N ARG C 197 -4.79 -4.00 -3.81
CA ARG C 197 -3.45 -3.57 -4.14
C ARG C 197 -2.89 -4.55 -5.16
N ASP C 198 -2.17 -4.04 -6.16
CA ASP C 198 -1.72 -4.91 -7.23
C ASP C 198 -0.77 -5.97 -6.69
N TYR C 199 -1.04 -7.23 -7.03
CA TYR C 199 -0.27 -8.35 -6.49
C TYR C 199 0.59 -8.98 -7.58
N ILE C 200 -0.01 -9.63 -8.58
CA ILE C 200 0.74 -10.26 -9.67
C ILE C 200 -0.11 -10.19 -10.93
N ALA C 201 0.56 -10.15 -12.09
CA ALA C 201 -0.14 -10.02 -13.36
C ALA C 201 0.62 -10.75 -14.46
N LEU C 202 -0.13 -11.45 -15.30
CA LEU C 202 0.46 -11.99 -16.51
C LEU C 202 0.88 -10.82 -17.39
N ASN C 203 2.05 -10.94 -18.01
CA ASN C 203 2.47 -9.88 -18.92
C ASN C 203 1.80 -10.05 -20.29
N GLU C 204 1.93 -9.01 -21.11
CA GLU C 204 1.23 -8.96 -22.38
C GLU C 204 1.73 -10.04 -23.34
N ASP C 205 2.94 -10.56 -23.11
CA ASP C 205 3.43 -11.69 -23.89
C ASP C 205 2.74 -12.99 -23.50
N LEU C 206 1.96 -12.99 -22.40
CA LEU C 206 1.30 -14.18 -21.88
C LEU C 206 2.29 -15.30 -21.56
N LYS C 207 3.55 -14.96 -21.26
CA LYS C 207 4.55 -15.96 -20.93
C LYS C 207 5.29 -15.63 -19.64
N THR C 208 5.38 -14.34 -19.28
CA THR C 208 6.09 -13.91 -18.08
C THR C 208 5.14 -13.18 -17.13
N TRP C 209 5.58 -13.06 -15.87
CA TRP C 209 4.78 -12.46 -14.81
C TRP C 209 5.47 -11.22 -14.25
N THR C 210 4.66 -10.25 -13.81
CA THR C 210 5.13 -9.08 -13.06
C THR C 210 4.60 -9.16 -11.64
N ALA C 211 5.50 -9.23 -10.67
CA ALA C 211 5.14 -9.25 -9.25
C ALA C 211 5.45 -7.90 -8.61
N ALA C 212 4.52 -7.41 -7.78
CA ALA C 212 4.62 -6.06 -7.24
C ALA C 212 5.48 -5.97 -5.99
N ASP C 213 5.38 -6.94 -5.08
CA ASP C 213 6.13 -6.87 -3.82
C ASP C 213 6.91 -8.18 -3.62
N MET C 214 7.52 -8.36 -2.43
CA MET C 214 8.30 -9.57 -2.21
C MET C 214 7.43 -10.81 -1.97
N ALA C 215 6.27 -10.66 -1.34
CA ALA C 215 5.32 -11.77 -1.30
C ALA C 215 4.99 -12.27 -2.71
N ALA C 216 4.66 -11.33 -3.62
CA ALA C 216 4.28 -11.75 -4.98
C ALA C 216 5.45 -12.42 -5.70
N GLN C 217 6.68 -12.10 -5.32
CA GLN C 217 7.84 -12.79 -5.91
C GLN C 217 7.89 -14.25 -5.49
N ILE C 218 7.40 -14.61 -4.29
CA ILE C 218 7.26 -16.02 -3.95
C ILE C 218 6.31 -16.71 -4.91
N THR C 219 5.11 -16.14 -5.05
CA THR C 219 4.12 -16.69 -5.97
C THR C 219 4.68 -16.79 -7.39
N ARG C 220 5.50 -15.82 -7.78
CA ARG C 220 6.02 -15.81 -9.14
C ARG C 220 6.94 -16.99 -9.41
N ARG C 221 7.92 -17.22 -8.51
CA ARG C 221 8.81 -18.38 -8.65
C ARG C 221 8.03 -19.67 -8.72
N LYS C 222 6.99 -19.79 -7.89
CA LYS C 222 6.14 -20.96 -7.88
C LYS C 222 5.48 -21.16 -9.24
N TRP C 223 4.87 -20.10 -9.78
CA TRP C 223 4.08 -20.22 -10.99
C TRP C 223 4.97 -20.41 -12.22
N GLU C 224 6.17 -19.82 -12.25
CA GLU C 224 7.11 -20.08 -13.32
C GLU C 224 7.55 -21.54 -13.32
N GLN C 225 7.87 -22.08 -12.15
CA GLN C 225 8.40 -23.44 -12.09
C GLN C 225 7.35 -24.51 -12.39
N SER C 226 6.07 -24.21 -12.24
CA SER C 226 5.02 -25.17 -12.61
C SER C 226 4.35 -24.84 -13.93
N GLY C 227 4.83 -23.82 -14.64
CA GLY C 227 4.33 -23.58 -15.98
C GLY C 227 2.92 -23.05 -16.03
N ALA C 228 2.51 -22.29 -15.00
CA ALA C 228 1.13 -21.83 -14.91
C ALA C 228 0.73 -20.92 -16.08
N ALA C 229 1.67 -20.13 -16.61
CA ALA C 229 1.32 -19.21 -17.71
C ALA C 229 0.84 -19.97 -18.94
N GLU C 230 1.43 -21.13 -19.23
CA GLU C 230 0.97 -21.91 -20.37
C GLU C 230 -0.49 -22.28 -20.22
N HIS C 231 -0.92 -22.60 -19.01
CA HIS C 231 -2.31 -22.94 -18.80
C HIS C 231 -3.23 -21.76 -19.09
N TYR C 232 -2.86 -20.55 -18.66
CA TYR C 232 -3.72 -19.39 -18.86
C TYR C 232 -3.67 -18.87 -20.29
N LYS C 233 -2.47 -18.92 -20.91
CA LYS C 233 -2.34 -18.55 -22.31
C LYS C 233 -3.29 -19.37 -23.18
N ALA C 234 -3.31 -20.68 -22.98
CA ALA C 234 -4.19 -21.56 -23.75
C ALA C 234 -5.65 -21.12 -23.65
N TYR C 235 -6.07 -20.69 -22.45
CA TYR C 235 -7.42 -20.17 -22.28
C TYR C 235 -7.63 -18.88 -23.06
N LEU C 236 -6.78 -17.88 -22.80
CA LEU C 236 -6.95 -16.57 -23.42
C LEU C 236 -6.98 -16.67 -24.94
N GLU C 237 -6.15 -17.53 -25.51
CA GLU C 237 -6.05 -17.64 -26.97
C GLU C 237 -7.13 -18.53 -27.58
N GLY C 238 -7.64 -19.49 -26.81
CA GLY C 238 -8.65 -20.41 -27.28
C GLY C 238 -10.08 -20.13 -26.86
N GLU C 239 -10.55 -20.77 -25.78
CA GLU C 239 -11.96 -20.68 -25.42
C GLU C 239 -12.41 -19.25 -25.15
N CYS C 240 -11.52 -18.41 -24.59
CA CYS C 240 -11.92 -17.03 -24.30
C CYS C 240 -12.29 -16.28 -25.57
N VAL C 241 -11.41 -16.32 -26.57
CA VAL C 241 -11.71 -15.63 -27.82
C VAL C 241 -12.86 -16.31 -28.56
N GLU C 242 -12.88 -17.64 -28.57
CA GLU C 242 -13.90 -18.36 -29.35
C GLU C 242 -15.29 -18.18 -28.78
N TRP C 243 -15.43 -18.17 -27.45
CA TRP C 243 -16.73 -17.96 -26.86
C TRP C 243 -17.13 -16.49 -26.84
N LEU C 244 -16.15 -15.56 -26.85
CA LEU C 244 -16.53 -14.16 -27.11
C LEU C 244 -17.08 -13.99 -28.52
N HIS C 245 -16.46 -14.64 -29.51
CA HIS C 245 -17.01 -14.60 -30.88
C HIS C 245 -18.47 -15.05 -30.91
N ARG C 246 -18.80 -16.11 -30.16
CA ARG C 246 -20.16 -16.61 -30.14
C ARG C 246 -21.12 -15.65 -29.44
N TYR C 247 -20.68 -15.04 -28.32
CA TYR C 247 -21.53 -14.09 -27.61
C TYR C 247 -21.78 -12.83 -28.44
N LEU C 248 -20.76 -12.34 -29.14
CA LEU C 248 -20.91 -11.12 -29.92
C LEU C 248 -21.94 -11.32 -31.02
N LYS C 249 -21.84 -12.44 -31.73
CA LYS C 249 -22.85 -12.81 -32.72
C LYS C 249 -24.22 -12.96 -32.06
N ASN C 250 -24.28 -13.68 -30.94
CA ASN C 250 -25.55 -13.84 -30.24
C ASN C 250 -26.15 -12.50 -29.83
N GLY C 251 -25.31 -11.53 -29.52
CA GLY C 251 -25.74 -10.18 -29.22
C GLY C 251 -25.85 -9.27 -30.42
N ASN C 252 -25.42 -9.73 -31.60
CA ASN C 252 -25.49 -8.89 -32.80
C ASN C 252 -26.92 -8.49 -33.08
N ALA C 253 -27.82 -9.47 -33.13
CA ALA C 253 -29.25 -9.19 -33.19
C ALA C 253 -29.71 -8.57 -31.87
N LYS D 1 -17.19 -17.91 -21.54
CA LYS D 1 -16.76 -18.97 -20.64
C LYS D 1 -15.64 -18.50 -19.75
N ALA D 2 -15.71 -18.91 -18.49
CA ALA D 2 -14.79 -18.44 -17.46
C ALA D 2 -13.53 -19.29 -17.41
N VAL D 3 -12.42 -18.64 -17.02
CA VAL D 3 -11.16 -19.32 -16.73
C VAL D 3 -11.31 -20.13 -15.45
N TYR D 4 -10.41 -21.11 -15.27
CA TYR D 4 -10.29 -21.82 -14.00
C TYR D 4 -8.83 -21.86 -13.59
N ASN D 5 -8.55 -21.37 -12.37
CA ASN D 5 -7.19 -21.21 -11.91
C ASN D 5 -6.56 -22.53 -11.53
N PHE D 6 -5.26 -22.59 -11.74
CA PHE D 6 -4.41 -23.73 -11.51
C PHE D 6 -3.77 -23.62 -10.11
N ALA D 7 -2.50 -23.24 -10.07
CA ALA D 7 -1.77 -23.21 -8.81
C ALA D 7 -2.21 -22.04 -7.94
N THR D 8 -2.40 -22.28 -6.63
CA THR D 8 -2.81 -21.23 -5.70
C THR D 8 -1.64 -20.27 -5.44
N MET D 9 -1.95 -19.14 -4.79
CA MET D 9 -0.93 -18.14 -4.45
C MET D 9 0.21 -18.74 -3.64
#